data_8BW7
#
_entry.id   8BW7
#
_cell.length_a   1.00
_cell.length_b   1.00
_cell.length_c   1.00
_cell.angle_alpha   90.00
_cell.angle_beta   90.00
_cell.angle_gamma   90.00
#
_symmetry.space_group_name_H-M   'P 1'
#
loop_
_entity.id
_entity.type
_entity.pdbx_description
1 polymer 'Solute carrier family 22 member 6'
2 polymer 'Synthetic nanobody (Sybody)'
3 non-polymer '2-OXOGLUTARIC ACID'
4 non-polymer 'CHLORIDE ION'
#
loop_
_entity_poly.entity_id
_entity_poly.type
_entity_poly.pdbx_seq_one_letter_code
_entity_poly.pdbx_strand_id
1 'polypeptide(L)'
;MAFNDLLKQVGGVGRFQLIQVTMVVAPLLLMASHNTLQNFTAAIPPHHCRPPANANLSKDGGLEAWLPLDKQGQPESCLR
FTSPQWGPPFYNGTEANGTRVTEPCIDGWVYDNSTFPSTIVTEWNLVCSHRAFRQLAQSLYMVGVLLGAMVFGYLADRLG
RRKVLILNYLQTAVSGTCAAYAPNYTVYCVFRLLSGMSLASIAINCMTLNVEWMPIHTRAYVGTLIGYVYSLGQFLLAGI
AYAVPHWRHLQLVVSVPFFIAFIYSWFFIESARWYSSSGRLDLTLRALQRVARINGKQEEGAKLSIEVLRTSLQKELTLS
KGQASAMELLRCPTLRHLFLCLSMLWFATSFAYYGLVMDLQGFGVSMYLIQVIFGAVDLPAKFVCFLVINSMGRRPAQMA
SLLLAGICILVNGIIPKSHTIIRTSLAVLGKGCLASSFNCIFLYTGELYPTVIRQTGLGMGSTMARVGSIVSPLVSMTAE
FYPSMPLFIFGAVPVVASAVTALLPETLGQPLPDTVQDLKSRSRGKQNQQQQEQQKQMMPLENLYFQ
;
A
2 'polypeptide(L)'
;MAGSSSQVQLVESGGGLVQAGGSLRLSCAASGFPVKTEWMEWYRQAPGKEREWVAAIWSYGSGTRYADSVKGRFTISRDN
AKNTVYLQMNSLKPEDTAVYYCLVRVGSWYHGQGTQVTVSAGRAGEQKLISEEDLNSAVDHHHHHH
;
B
#
loop_
_chem_comp.id
_chem_comp.type
_chem_comp.name
_chem_comp.formula
AKG non-polymer '2-OXOGLUTARIC ACID' 'C5 H6 O5'
CL non-polymer 'CHLORIDE ION' 'Cl -1'
#
# COMPACT_ATOMS: atom_id res chain seq x y z
N MET A 1 -4.12 5.68 47.18
CA MET A 1 -5.13 6.73 47.21
C MET A 1 -5.14 7.51 45.91
N ALA A 2 -5.37 6.81 44.80
CA ALA A 2 -5.40 7.44 43.49
C ALA A 2 -6.69 7.12 42.75
N PHE A 3 -6.75 7.48 41.46
CA PHE A 3 -7.95 7.21 40.68
C PHE A 3 -8.18 5.71 40.54
N ASN A 4 -7.10 4.93 40.45
CA ASN A 4 -7.25 3.48 40.33
C ASN A 4 -7.93 2.88 41.53
N ASP A 5 -7.80 3.49 42.71
CA ASP A 5 -8.51 3.01 43.89
C ASP A 5 -10.01 3.06 43.67
N LEU A 6 -10.51 4.21 43.21
CA LEU A 6 -11.94 4.34 42.93
C LEU A 6 -12.35 3.44 41.78
N LEU A 7 -11.51 3.30 40.76
CA LEU A 7 -11.84 2.43 39.64
C LEU A 7 -12.01 0.99 40.08
N LYS A 8 -11.12 0.51 40.95
CA LYS A 8 -11.26 -0.84 41.49
C LYS A 8 -12.45 -0.94 42.44
N GLN A 9 -12.77 0.15 43.15
CA GLN A 9 -13.94 0.13 44.02
C GLN A 9 -15.23 -0.07 43.23
N VAL A 10 -15.33 0.59 42.07
CA VAL A 10 -16.54 0.44 41.26
C VAL A 10 -16.52 -0.84 40.44
N GLY A 11 -15.38 -1.50 40.32
CA GLY A 11 -15.30 -2.73 39.53
C GLY A 11 -13.97 -2.94 38.86
N GLY A 12 -13.98 -3.14 37.55
CA GLY A 12 -12.78 -3.41 36.79
C GLY A 12 -13.03 -4.45 35.72
N VAL A 13 -14.03 -5.30 35.94
CA VAL A 13 -14.44 -6.32 34.98
C VAL A 13 -15.94 -6.23 34.82
N GLY A 14 -16.53 -5.13 35.30
CA GLY A 14 -17.96 -4.99 35.32
C GLY A 14 -18.58 -4.93 33.94
N ARG A 15 -19.91 -5.04 33.91
CA ARG A 15 -20.64 -5.12 32.65
C ARG A 15 -20.42 -3.88 31.79
N PHE A 16 -20.45 -2.69 32.40
CA PHE A 16 -20.26 -1.47 31.64
C PHE A 16 -18.88 -1.45 30.98
N GLN A 17 -17.85 -1.86 31.72
CA GLN A 17 -16.49 -1.77 31.18
C GLN A 17 -16.31 -2.69 29.99
N LEU A 18 -16.72 -3.95 30.12
CA LEU A 18 -16.58 -4.90 29.03
C LEU A 18 -17.44 -4.49 27.83
N ILE A 19 -18.67 -4.03 28.09
CA ILE A 19 -19.52 -3.57 27.00
C ILE A 19 -18.86 -2.40 26.27
N GLN A 20 -18.33 -1.44 27.03
CA GLN A 20 -17.73 -0.26 26.44
C GLN A 20 -16.50 -0.60 25.61
N VAL A 21 -15.64 -1.50 26.09
CA VAL A 21 -14.46 -1.83 25.31
C VAL A 21 -14.85 -2.62 24.05
N THR A 22 -15.70 -3.63 24.20
CA THR A 22 -16.11 -4.40 23.03
C THR A 22 -16.97 -3.59 22.06
N MET A 23 -17.45 -2.43 22.50
CA MET A 23 -18.21 -1.50 21.69
C MET A 23 -17.31 -0.50 20.97
N VAL A 24 -16.27 -0.01 21.66
CA VAL A 24 -15.41 1.02 21.11
C VAL A 24 -14.37 0.42 20.16
N VAL A 25 -13.90 -0.80 20.44
CA VAL A 25 -12.96 -1.45 19.53
C VAL A 25 -13.63 -1.97 18.26
N ALA A 26 -14.96 -1.98 18.21
CA ALA A 26 -15.68 -2.54 17.07
C ALA A 26 -15.34 -1.89 15.72
N PRO A 27 -15.20 -0.57 15.58
CA PRO A 27 -14.89 0.00 14.26
C PRO A 27 -13.44 -0.21 13.80
N LEU A 28 -12.62 -0.96 14.53
CA LEU A 28 -11.23 -1.12 14.09
C LEU A 28 -11.11 -2.06 12.90
N LEU A 29 -12.06 -2.98 12.71
CA LEU A 29 -12.09 -3.75 11.47
C LEU A 29 -12.29 -2.82 10.28
N LEU A 30 -13.19 -1.84 10.42
CA LEU A 30 -13.36 -0.86 9.36
C LEU A 30 -12.12 0.04 9.22
N MET A 31 -11.41 0.30 10.33
CA MET A 31 -10.11 0.94 10.23
C MET A 31 -9.17 0.19 9.29
N ALA A 32 -9.01 -1.11 9.53
CA ALA A 32 -8.10 -1.90 8.70
C ALA A 32 -8.58 -1.94 7.25
N SER A 33 -9.88 -2.13 7.04
CA SER A 33 -10.43 -2.21 5.69
C SER A 33 -10.21 -0.89 4.95
N HIS A 34 -10.47 0.24 5.61
CA HIS A 34 -10.30 1.54 4.97
C HIS A 34 -8.83 1.81 4.66
N ASN A 35 -7.93 1.42 5.57
CA ASN A 35 -6.52 1.64 5.32
C ASN A 35 -6.04 0.84 4.12
N THR A 36 -6.50 -0.40 3.98
CA THR A 36 -6.03 -1.27 2.91
C THR A 36 -6.93 -1.24 1.66
N LEU A 37 -7.98 -0.42 1.66
CA LEU A 37 -8.98 -0.46 0.59
C LEU A 37 -8.40 -0.18 -0.79
N GLN A 38 -7.31 0.58 -0.88
CA GLN A 38 -6.77 0.95 -2.18
C GLN A 38 -6.35 -0.26 -3.00
N ASN A 39 -6.12 -1.40 -2.36
CA ASN A 39 -5.78 -2.62 -3.09
C ASN A 39 -6.93 -3.09 -3.97
N PHE A 40 -8.16 -3.02 -3.45
CA PHE A 40 -9.33 -3.49 -4.18
C PHE A 40 -10.09 -2.41 -4.91
N THR A 41 -10.01 -1.16 -4.45
CA THR A 41 -10.72 -0.06 -5.08
C THR A 41 -9.88 0.67 -6.13
N ALA A 42 -8.62 0.29 -6.31
CA ALA A 42 -7.76 0.95 -7.28
C ALA A 42 -6.90 -0.06 -8.05
N ALA A 43 -7.38 -1.30 -8.16
CA ALA A 43 -6.66 -2.30 -8.92
C ALA A 43 -6.62 -1.94 -10.40
N ILE A 44 -5.47 -2.19 -11.03
CA ILE A 44 -5.26 -1.86 -12.44
C ILE A 44 -5.51 -3.13 -13.25
N PRO A 45 -6.54 -3.18 -14.10
CA PRO A 45 -6.70 -4.31 -15.00
C PRO A 45 -5.96 -4.08 -16.29
N PRO A 46 -5.65 -5.13 -17.05
CA PRO A 46 -4.99 -4.94 -18.35
C PRO A 46 -5.83 -4.07 -19.27
N HIS A 47 -5.14 -3.21 -20.02
CA HIS A 47 -5.81 -2.21 -20.84
C HIS A 47 -4.95 -1.90 -22.05
N HIS A 48 -5.57 -1.28 -23.05
CA HIS A 48 -4.86 -0.88 -24.26
C HIS A 48 -5.56 0.31 -24.88
N CYS A 49 -4.83 1.01 -25.74
CA CYS A 49 -5.41 2.13 -26.47
C CYS A 49 -6.58 1.66 -27.33
N ARG A 50 -7.69 2.39 -27.26
CA ARG A 50 -8.86 2.03 -28.06
C ARG A 50 -8.67 2.52 -29.49
N PRO A 51 -8.81 1.65 -30.49
CA PRO A 51 -8.71 2.08 -31.89
C PRO A 51 -9.78 3.10 -32.22
N PRO A 52 -9.47 4.08 -33.07
CA PRO A 52 -10.47 5.09 -33.42
C PRO A 52 -11.64 4.49 -34.19
N ALA A 53 -12.81 5.10 -34.01
CA ALA A 53 -14.03 4.64 -34.67
C ALA A 53 -14.01 4.89 -36.17
N ASN A 54 -13.05 5.66 -36.68
CA ASN A 54 -13.00 5.93 -38.12
C ASN A 54 -12.77 4.65 -38.91
N ALA A 55 -11.89 3.78 -38.43
CA ALA A 55 -11.62 2.52 -39.09
C ALA A 55 -12.60 1.45 -38.64
N ASN A 56 -12.90 0.52 -39.54
CA ASN A 56 -13.84 -0.56 -39.27
C ASN A 56 -13.08 -1.83 -38.97
N LEU A 57 -13.49 -2.53 -37.90
CA LEU A 57 -12.83 -3.77 -37.51
C LEU A 57 -13.25 -4.96 -38.36
N SER A 58 -14.35 -4.84 -39.12
CA SER A 58 -14.78 -5.93 -39.97
C SER A 58 -13.80 -6.16 -41.12
N LYS A 59 -13.37 -5.08 -41.77
CA LYS A 59 -12.41 -5.18 -42.86
C LYS A 59 -10.97 -5.32 -42.37
N ASP A 60 -10.71 -5.02 -41.10
CA ASP A 60 -9.38 -5.13 -40.54
C ASP A 60 -9.03 -6.56 -40.11
N GLY A 61 -10.01 -7.45 -40.01
CA GLY A 61 -9.74 -8.82 -39.66
C GLY A 61 -9.29 -9.07 -38.23
N GLY A 62 -9.36 -8.06 -37.38
CA GLY A 62 -8.97 -8.22 -35.99
C GLY A 62 -8.50 -6.90 -35.42
N LEU A 63 -8.11 -6.96 -34.14
CA LEU A 63 -7.65 -5.80 -33.40
C LEU A 63 -6.14 -5.72 -33.32
N GLU A 64 -5.42 -6.64 -33.96
CA GLU A 64 -3.96 -6.61 -33.91
C GLU A 64 -3.38 -5.44 -34.68
N ALA A 65 -4.02 -5.03 -35.78
CA ALA A 65 -3.47 -3.99 -36.62
C ALA A 65 -3.50 -2.62 -35.97
N TRP A 66 -4.42 -2.39 -35.02
CA TRP A 66 -4.57 -1.09 -34.39
C TRP A 66 -3.97 -1.03 -32.99
N LEU A 67 -3.15 -2.01 -32.62
CA LEU A 67 -2.58 -2.04 -31.28
C LEU A 67 -1.21 -2.71 -31.27
N PRO A 68 -0.13 -1.98 -31.00
CA PRO A 68 1.18 -2.61 -30.88
C PRO A 68 1.24 -3.52 -29.66
N LEU A 69 2.06 -4.57 -29.76
CA LEU A 69 2.21 -5.55 -28.71
C LEU A 69 3.48 -5.29 -27.91
N ASP A 70 3.43 -5.59 -26.62
CA ASP A 70 4.60 -5.49 -25.77
C ASP A 70 5.32 -6.85 -25.71
N LYS A 71 6.46 -6.88 -25.01
CA LYS A 71 7.27 -8.09 -24.97
C LYS A 71 6.57 -9.24 -24.25
N GLN A 72 5.57 -8.96 -23.42
CA GLN A 72 4.86 -9.99 -22.67
C GLN A 72 3.65 -10.53 -23.41
N GLY A 73 3.59 -10.34 -24.73
CA GLY A 73 2.48 -10.87 -25.52
C GLY A 73 1.14 -10.24 -25.23
N GLN A 74 1.10 -8.95 -24.91
CA GLN A 74 -0.11 -8.20 -24.64
C GLN A 74 -0.11 -6.92 -25.46
N PRO A 75 -1.28 -6.38 -25.77
CA PRO A 75 -1.34 -5.08 -26.44
C PRO A 75 -0.70 -3.99 -25.58
N GLU A 76 -0.03 -3.05 -26.24
CA GLU A 76 0.67 -1.99 -25.52
C GLU A 76 -0.32 -1.16 -24.72
N SER A 77 0.08 -0.78 -23.51
CA SER A 77 -0.80 -0.12 -22.57
C SER A 77 -0.81 1.40 -22.73
N CYS A 78 0.00 1.95 -23.63
CA CYS A 78 0.06 3.40 -23.77
C CYS A 78 0.16 3.90 -25.20
N LEU A 79 0.14 3.03 -26.20
CA LEU A 79 0.35 3.43 -27.59
C LEU A 79 -0.73 2.85 -28.48
N ARG A 80 -0.96 3.52 -29.60
CA ARG A 80 -1.84 3.01 -30.65
C ARG A 80 -1.22 3.35 -32.00
N PHE A 81 -1.49 2.50 -32.98
CA PHE A 81 -0.90 2.69 -34.30
C PHE A 81 -1.61 3.80 -35.05
N THR A 82 -0.90 4.38 -36.01
CA THR A 82 -1.46 5.44 -36.83
C THR A 82 -2.23 4.91 -38.04
N SER A 83 -1.86 3.73 -38.54
CA SER A 83 -2.54 3.14 -39.68
C SER A 83 -2.31 1.64 -39.74
N THR A 102 3.63 5.38 -34.59
CA THR A 102 2.54 5.16 -33.63
C THR A 102 2.03 6.48 -33.06
N GLU A 103 1.13 6.37 -32.07
CA GLU A 103 0.47 7.55 -31.52
C GLU A 103 -0.02 7.22 -30.12
N PRO A 104 0.03 8.17 -29.19
CA PRO A 104 -0.56 7.93 -27.86
C PRO A 104 -2.08 7.88 -27.95
N CYS A 105 -2.69 7.37 -26.87
CA CYS A 105 -4.14 7.28 -26.80
C CYS A 105 -4.76 8.65 -27.03
N ILE A 106 -5.77 8.71 -27.90
CA ILE A 106 -6.50 9.94 -28.16
C ILE A 106 -8.00 9.64 -28.11
N ASP A 107 -8.35 8.36 -28.11
CA ASP A 107 -9.74 7.92 -28.07
C ASP A 107 -10.07 7.17 -26.80
N GLY A 108 -9.23 7.29 -25.77
CA GLY A 108 -9.48 6.63 -24.51
C GLY A 108 -8.79 5.29 -24.40
N TRP A 109 -9.25 4.52 -23.42
CA TRP A 109 -8.68 3.21 -23.11
C TRP A 109 -9.80 2.17 -23.05
N VAL A 110 -9.42 0.91 -23.23
CA VAL A 110 -10.33 -0.22 -23.16
C VAL A 110 -9.87 -1.13 -22.03
N TYR A 111 -10.77 -1.41 -21.09
CA TYR A 111 -10.48 -2.25 -19.95
C TYR A 111 -11.37 -3.50 -19.98
N ASP A 112 -10.82 -4.61 -19.49
CA ASP A 112 -11.58 -5.84 -19.41
C ASP A 112 -12.40 -5.87 -18.12
N ASN A 113 -13.38 -6.78 -18.08
CA ASN A 113 -14.24 -6.95 -16.92
C ASN A 113 -14.27 -8.39 -16.44
N SER A 114 -13.31 -9.21 -16.86
CA SER A 114 -13.30 -10.62 -16.45
C SER A 114 -13.06 -10.77 -14.96
N THR A 115 -12.15 -9.98 -14.39
CA THR A 115 -11.78 -10.08 -12.98
C THR A 115 -12.26 -8.90 -12.16
N PHE A 116 -11.92 -7.68 -12.58
CA PHE A 116 -12.34 -6.47 -11.86
C PHE A 116 -13.43 -5.77 -12.65
N PRO A 117 -14.68 -5.81 -12.20
CA PRO A 117 -15.74 -5.12 -12.96
C PRO A 117 -15.49 -3.63 -13.13
N SER A 118 -14.96 -2.95 -12.12
CA SER A 118 -14.69 -1.53 -12.21
C SER A 118 -13.83 -1.10 -11.03
N THR A 119 -12.82 -0.28 -11.32
CA THR A 119 -12.03 0.41 -10.30
C THR A 119 -11.87 1.86 -10.75
N ILE A 120 -11.17 2.65 -9.94
CA ILE A 120 -11.02 4.07 -10.27
C ILE A 120 -10.20 4.24 -11.54
N VAL A 121 -9.23 3.35 -11.79
CA VAL A 121 -8.34 3.48 -12.94
C VAL A 121 -9.07 3.06 -14.22
N THR A 122 -10.31 2.58 -14.09
CA THR A 122 -11.14 2.28 -15.24
C THR A 122 -12.25 3.29 -15.47
N GLU A 123 -12.64 4.04 -14.44
CA GLU A 123 -13.65 5.09 -14.61
C GLU A 123 -13.02 6.44 -14.93
N TRP A 124 -11.92 6.78 -14.25
CA TRP A 124 -11.19 8.02 -14.50
C TRP A 124 -9.84 7.78 -15.15
N ASN A 125 -9.67 6.62 -15.79
CA ASN A 125 -8.53 6.22 -16.62
C ASN A 125 -7.19 6.76 -16.12
N LEU A 126 -6.88 6.54 -14.85
CA LEU A 126 -5.60 6.93 -14.29
C LEU A 126 -4.49 6.02 -14.79
N VAL A 127 -4.12 6.15 -16.06
CA VAL A 127 -3.09 5.34 -16.68
C VAL A 127 -2.24 6.24 -17.57
N CYS A 128 -1.24 5.63 -18.21
CA CYS A 128 -0.35 6.33 -19.14
C CYS A 128 0.31 7.53 -18.47
N SER A 129 0.01 8.73 -18.96
CA SER A 129 0.56 9.94 -18.37
C SER A 129 0.10 10.12 -16.93
N HIS A 130 -1.15 9.79 -16.64
CA HIS A 130 -1.67 9.88 -15.27
C HIS A 130 -1.48 8.56 -14.53
N ARG A 131 -0.26 8.03 -14.56
CA ARG A 131 0.04 6.79 -13.85
C ARG A 131 0.31 7.04 -12.37
N ALA A 132 0.71 8.25 -12.00
CA ALA A 132 1.08 8.58 -10.63
C ALA A 132 -0.08 9.11 -9.81
N PHE A 133 -1.27 9.24 -10.39
CA PHE A 133 -2.36 9.90 -9.68
C PHE A 133 -2.95 9.03 -8.57
N ARG A 134 -2.99 7.70 -8.76
CA ARG A 134 -3.45 6.84 -7.68
C ARG A 134 -2.50 6.91 -6.49
N GLN A 135 -1.19 6.89 -6.75
CA GLN A 135 -0.22 7.01 -5.67
C GLN A 135 -0.31 8.38 -5.01
N LEU A 136 -0.56 9.43 -5.80
CA LEU A 136 -0.73 10.75 -5.22
C LEU A 136 -1.98 10.82 -4.35
N ALA A 137 -3.06 10.16 -4.76
CA ALA A 137 -4.27 10.12 -3.94
C ALA A 137 -4.01 9.40 -2.62
N GLN A 138 -3.28 8.28 -2.68
CA GLN A 138 -2.95 7.58 -1.44
C GLN A 138 -2.04 8.43 -0.55
N SER A 139 -1.09 9.14 -1.16
CA SER A 139 -0.22 10.04 -0.39
C SER A 139 -1.04 11.15 0.25
N LEU A 140 -2.06 11.65 -0.43
CA LEU A 140 -2.92 12.67 0.15
C LEU A 140 -3.76 12.10 1.28
N TYR A 141 -4.19 10.84 1.15
CA TYR A 141 -4.88 10.20 2.27
C TYR A 141 -3.96 10.08 3.49
N MET A 142 -2.70 9.74 3.25
CA MET A 142 -1.75 9.66 4.36
C MET A 142 -1.45 11.04 4.95
N VAL A 143 -1.43 12.07 4.10
CA VAL A 143 -1.31 13.44 4.60
C VAL A 143 -2.49 13.78 5.50
N GLY A 144 -3.69 13.36 5.09
CA GLY A 144 -4.85 13.52 5.95
C GLY A 144 -4.70 12.78 7.27
N VAL A 145 -4.15 11.57 7.22
CA VAL A 145 -3.91 10.81 8.45
C VAL A 145 -2.97 11.59 9.38
N LEU A 146 -1.87 12.10 8.82
CA LEU A 146 -0.91 12.84 9.64
C LEU A 146 -1.54 14.11 10.23
N LEU A 147 -2.30 14.85 9.42
CA LEU A 147 -2.90 16.09 9.91
C LEU A 147 -3.98 15.81 10.96
N GLY A 148 -4.80 14.77 10.73
CA GLY A 148 -5.82 14.39 11.67
C GLY A 148 -5.33 13.71 12.92
N ALA A 149 -4.05 13.32 12.93
CA ALA A 149 -3.42 13.02 14.21
C ALA A 149 -2.92 14.31 14.86
N MET A 150 -2.15 15.10 14.11
CA MET A 150 -1.45 16.25 14.67
C MET A 150 -2.42 17.25 15.31
N VAL A 151 -3.44 17.67 14.57
CA VAL A 151 -4.33 18.71 15.07
C VAL A 151 -5.46 18.13 15.93
N PHE A 152 -5.92 16.92 15.63
CA PHE A 152 -7.01 16.37 16.42
C PHE A 152 -6.55 15.84 17.77
N GLY A 153 -5.25 15.58 17.95
CA GLY A 153 -4.77 15.31 19.31
C GLY A 153 -4.97 16.52 20.22
N TYR A 154 -4.57 17.70 19.73
CA TYR A 154 -4.81 18.92 20.49
C TYR A 154 -6.29 19.20 20.64
N LEU A 155 -7.08 18.96 19.58
CA LEU A 155 -8.51 19.21 19.67
C LEU A 155 -9.16 18.30 20.71
N ALA A 156 -8.73 17.04 20.79
CA ALA A 156 -9.25 16.13 21.80
C ALA A 156 -8.80 16.54 23.19
N ASP A 157 -7.54 16.97 23.34
CA ASP A 157 -7.06 17.43 24.64
C ASP A 157 -7.81 18.67 25.11
N ARG A 158 -8.28 19.49 24.17
CA ARG A 158 -9.01 20.71 24.53
C ARG A 158 -10.52 20.52 24.63
N LEU A 159 -11.05 19.44 24.07
CA LEU A 159 -12.49 19.20 24.07
C LEU A 159 -12.88 17.95 24.85
N GLY A 160 -12.30 16.81 24.54
CA GLY A 160 -12.63 15.58 25.22
C GLY A 160 -12.27 14.37 24.38
N ARG A 161 -12.76 13.22 24.84
CA ARG A 161 -12.49 11.94 24.19
C ARG A 161 -13.75 11.21 23.76
N ARG A 162 -14.91 11.86 23.84
CA ARG A 162 -16.16 11.29 23.34
C ARG A 162 -16.75 12.10 22.21
N LYS A 163 -16.84 13.43 22.36
CA LYS A 163 -17.28 14.27 21.25
C LYS A 163 -16.31 14.16 20.08
N VAL A 164 -15.02 14.11 20.37
CA VAL A 164 -14.03 13.94 19.32
C VAL A 164 -14.22 12.61 18.61
N LEU A 165 -14.49 11.55 19.37
CA LEU A 165 -14.69 10.24 18.76
C LEU A 165 -15.93 10.22 17.87
N ILE A 166 -17.04 10.81 18.34
CA ILE A 166 -18.25 10.80 17.52
C ILE A 166 -18.06 11.66 16.27
N LEU A 167 -17.33 12.77 16.40
CA LEU A 167 -17.00 13.58 15.22
C LEU A 167 -16.15 12.79 14.25
N ASN A 168 -15.21 11.99 14.76
CA ASN A 168 -14.39 11.14 13.90
C ASN A 168 -15.26 10.13 13.16
N TYR A 169 -16.18 9.50 13.87
CA TYR A 169 -17.09 8.55 13.23
C TYR A 169 -17.87 9.21 12.10
N LEU A 170 -18.49 10.35 12.39
CA LEU A 170 -19.31 11.03 11.40
C LEU A 170 -18.47 11.46 10.20
N GLN A 171 -17.30 12.05 10.45
CA GLN A 171 -16.46 12.52 9.36
C GLN A 171 -15.97 11.38 8.50
N THR A 172 -15.55 10.26 9.12
CA THR A 172 -15.05 9.15 8.32
C THR A 172 -16.17 8.52 7.50
N ALA A 173 -17.37 8.40 8.06
CA ALA A 173 -18.47 7.82 7.29
C ALA A 173 -18.87 8.73 6.13
N VAL A 174 -19.02 10.02 6.40
CA VAL A 174 -19.41 10.96 5.36
C VAL A 174 -18.35 11.03 4.27
N SER A 175 -17.07 11.07 4.67
CA SER A 175 -15.99 11.14 3.68
C SER A 175 -15.90 9.85 2.87
N GLY A 176 -16.13 8.70 3.49
CA GLY A 176 -16.13 7.45 2.74
C GLY A 176 -17.22 7.41 1.69
N THR A 177 -18.44 7.80 2.09
CA THR A 177 -19.54 7.82 1.11
C THR A 177 -19.28 8.84 0.00
N CYS A 178 -18.79 10.03 0.36
CA CYS A 178 -18.54 11.06 -0.63
C CYS A 178 -17.42 10.65 -1.60
N ALA A 179 -16.40 9.96 -1.09
CA ALA A 179 -15.37 9.44 -1.98
C ALA A 179 -15.92 8.34 -2.87
N ALA A 180 -16.84 7.53 -2.34
CA ALA A 180 -17.48 6.51 -3.16
C ALA A 180 -18.25 7.15 -4.31
N TYR A 181 -18.93 8.26 -4.06
CA TYR A 181 -19.66 9.00 -5.08
C TYR A 181 -18.94 10.30 -5.36
N ALA A 182 -17.93 10.24 -6.24
CA ALA A 182 -17.08 11.37 -6.55
C ALA A 182 -17.19 11.73 -8.02
N PRO A 183 -17.54 12.97 -8.37
CA PRO A 183 -17.64 13.32 -9.79
C PRO A 183 -16.33 13.18 -10.55
N ASN A 184 -15.19 13.48 -9.92
CA ASN A 184 -13.90 13.39 -10.60
C ASN A 184 -12.84 13.02 -9.57
N TYR A 185 -11.57 13.22 -9.95
CA TYR A 185 -10.46 12.74 -9.13
C TYR A 185 -10.08 13.70 -8.01
N THR A 186 -10.18 15.02 -8.24
CA THR A 186 -9.82 15.97 -7.20
C THR A 186 -10.75 15.86 -5.99
N VAL A 187 -12.04 15.67 -6.24
CA VAL A 187 -12.98 15.41 -5.16
C VAL A 187 -12.57 14.16 -4.39
N TYR A 188 -12.13 13.12 -5.11
CA TYR A 188 -11.68 11.89 -4.47
C TYR A 188 -10.48 12.15 -3.57
N CYS A 189 -9.51 12.92 -4.05
CA CYS A 189 -8.32 13.18 -3.24
C CYS A 189 -8.66 13.98 -1.99
N VAL A 190 -9.53 15.00 -2.13
CA VAL A 190 -9.91 15.81 -0.98
C VAL A 190 -10.66 14.97 0.04
N PHE A 191 -11.58 14.12 -0.42
CA PHE A 191 -12.34 13.32 0.52
C PHE A 191 -11.49 12.22 1.15
N ARG A 192 -10.47 11.74 0.43
CA ARG A 192 -9.51 10.82 1.05
C ARG A 192 -8.70 11.54 2.12
N LEU A 193 -8.35 12.80 1.88
CA LEU A 193 -7.70 13.61 2.90
C LEU A 193 -8.56 13.69 4.16
N LEU A 194 -9.85 14.01 4.00
CA LEU A 194 -10.73 14.10 5.15
C LEU A 194 -10.91 12.75 5.85
N SER A 195 -11.00 11.67 5.07
CA SER A 195 -11.13 10.34 5.65
C SER A 195 -9.90 9.99 6.47
N GLY A 196 -8.71 10.31 5.96
CA GLY A 196 -7.51 10.08 6.73
C GLY A 196 -7.49 10.88 8.02
N MET A 197 -7.88 12.15 7.94
CA MET A 197 -8.03 12.98 9.14
C MET A 197 -8.85 12.25 10.20
N SER A 198 -10.12 11.97 9.88
CA SER A 198 -11.03 11.39 10.86
C SER A 198 -10.55 10.04 11.34
N LEU A 199 -10.02 9.23 10.42
CA LEU A 199 -9.69 7.85 10.75
C LEU A 199 -8.47 7.77 11.63
N ALA A 200 -7.45 8.59 11.36
CA ALA A 200 -6.31 8.65 12.26
C ALA A 200 -6.73 9.16 13.62
N SER A 201 -7.62 10.14 13.67
CA SER A 201 -8.06 10.66 14.96
C SER A 201 -8.76 9.58 15.78
N ILE A 202 -9.66 8.82 15.16
CA ILE A 202 -10.34 7.76 15.90
C ILE A 202 -9.35 6.66 16.28
N ALA A 203 -8.38 6.37 15.42
CA ALA A 203 -7.40 5.34 15.73
C ALA A 203 -6.59 5.70 16.96
N ILE A 204 -6.17 6.96 17.08
CA ILE A 204 -5.37 7.34 18.24
C ILE A 204 -6.21 7.71 19.46
N ASN A 205 -7.52 7.86 19.32
CA ASN A 205 -8.36 8.13 20.49
C ASN A 205 -9.02 6.87 21.06
N CYS A 206 -9.22 5.84 20.25
CA CYS A 206 -9.81 4.59 20.73
C CYS A 206 -8.99 3.99 21.88
N MET A 207 -7.72 3.72 21.62
CA MET A 207 -6.86 3.11 22.63
C MET A 207 -6.72 4.03 23.84
N THR A 208 -6.60 5.34 23.60
CA THR A 208 -6.44 6.27 24.71
C THR A 208 -7.64 6.22 25.65
N LEU A 209 -8.85 6.33 25.11
CA LEU A 209 -10.04 6.29 25.96
C LEU A 209 -10.17 4.94 26.66
N ASN A 210 -9.97 3.84 25.92
CA ASN A 210 -10.14 2.53 26.52
C ASN A 210 -9.14 2.31 27.65
N VAL A 211 -7.88 2.70 27.45
CA VAL A 211 -6.89 2.57 28.50
C VAL A 211 -7.25 3.45 29.69
N GLU A 212 -7.72 4.68 29.42
CA GLU A 212 -8.05 5.60 30.50
C GLU A 212 -9.26 5.15 31.30
N TRP A 213 -10.09 4.27 30.75
CA TRP A 213 -11.20 3.74 31.56
C TRP A 213 -10.87 2.42 32.23
N MET A 214 -9.93 1.64 31.69
CA MET A 214 -9.64 0.32 32.24
C MET A 214 -8.73 0.41 33.45
N PRO A 215 -8.78 -0.59 34.35
CA PRO A 215 -7.70 -0.74 35.34
C PRO A 215 -6.42 -1.27 34.72
N ILE A 216 -5.42 -1.58 35.55
CA ILE A 216 -4.04 -1.70 35.07
C ILE A 216 -3.89 -2.90 34.12
N HIS A 217 -4.33 -4.08 34.55
CA HIS A 217 -4.10 -5.27 33.73
C HIS A 217 -5.01 -5.30 32.51
N THR A 218 -6.26 -4.88 32.68
CA THR A 218 -7.15 -4.82 31.53
C THR A 218 -6.70 -3.80 30.51
N ARG A 219 -5.78 -2.89 30.85
CA ARG A 219 -5.19 -2.01 29.84
C ARG A 219 -4.41 -2.82 28.81
N ALA A 220 -3.53 -3.70 29.27
CA ALA A 220 -2.81 -4.59 28.36
C ALA A 220 -3.77 -5.55 27.66
N TYR A 221 -4.78 -6.04 28.39
CA TYR A 221 -5.79 -6.87 27.75
C TYR A 221 -6.47 -6.14 26.60
N VAL A 222 -6.76 -4.85 26.79
CA VAL A 222 -7.41 -4.04 25.76
C VAL A 222 -6.48 -3.82 24.58
N GLY A 223 -5.19 -3.61 24.85
CA GLY A 223 -4.23 -3.49 23.76
C GLY A 223 -4.19 -4.75 22.89
N THR A 224 -4.12 -5.91 23.54
CA THR A 224 -4.15 -7.16 22.78
C THR A 224 -5.47 -7.33 22.03
N LEU A 225 -6.58 -6.92 22.64
CA LEU A 225 -7.87 -7.00 21.97
C LEU A 225 -7.90 -6.12 20.72
N ILE A 226 -7.30 -4.93 20.81
CA ILE A 226 -7.26 -4.00 19.69
C ILE A 226 -6.44 -4.63 18.56
N GLY A 227 -5.32 -5.24 18.90
CA GLY A 227 -4.52 -5.92 17.88
C GLY A 227 -5.27 -7.05 17.19
N TYR A 228 -5.93 -7.88 17.99
CA TYR A 228 -6.69 -9.00 17.43
C TYR A 228 -7.84 -8.51 16.57
N VAL A 229 -8.46 -7.39 16.95
CA VAL A 229 -9.55 -6.83 16.15
C VAL A 229 -9.02 -6.26 14.84
N TYR A 230 -7.82 -5.69 14.87
CA TYR A 230 -7.15 -5.28 13.62
C TYR A 230 -6.97 -6.47 12.69
N SER A 231 -6.52 -7.60 13.24
CA SER A 231 -6.34 -8.81 12.43
C SER A 231 -7.67 -9.28 11.85
N LEU A 232 -8.71 -9.30 12.67
CA LEU A 232 -10.04 -9.70 12.22
C LEU A 232 -10.55 -8.75 11.14
N GLY A 233 -10.16 -7.48 11.23
CA GLY A 233 -10.50 -6.54 10.17
C GLY A 233 -9.78 -6.82 8.87
N GLN A 234 -8.52 -7.23 8.97
CA GLN A 234 -7.81 -7.68 7.76
C GLN A 234 -8.52 -8.87 7.14
N PHE A 235 -9.11 -9.73 7.96
CA PHE A 235 -9.98 -10.79 7.44
C PHE A 235 -11.22 -10.22 6.76
N LEU A 236 -11.90 -9.29 7.44
CA LEU A 236 -13.16 -8.77 6.95
C LEU A 236 -13.00 -8.01 5.64
N LEU A 237 -11.85 -7.38 5.42
CA LEU A 237 -11.61 -6.70 4.15
C LEU A 237 -11.65 -7.69 3.00
N ALA A 238 -10.96 -8.83 3.14
CA ALA A 238 -10.99 -9.85 2.10
C ALA A 238 -12.39 -10.40 1.93
N GLY A 239 -13.10 -10.63 3.04
CA GLY A 239 -14.46 -11.13 2.93
C GLY A 239 -15.36 -10.19 2.14
N ILE A 240 -15.31 -8.91 2.46
CA ILE A 240 -16.14 -7.93 1.76
C ILE A 240 -15.73 -7.82 0.29
N ALA A 241 -14.42 -7.81 0.02
CA ALA A 241 -13.94 -7.71 -1.35
C ALA A 241 -14.41 -8.90 -2.18
N TYR A 242 -14.40 -10.09 -1.61
CA TYR A 242 -14.96 -11.24 -2.30
C TYR A 242 -16.47 -11.06 -2.51
N ALA A 243 -17.15 -10.50 -1.50
CA ALA A 243 -18.59 -10.29 -1.63
C ALA A 243 -18.92 -9.18 -2.62
N VAL A 244 -18.22 -8.05 -2.52
CA VAL A 244 -18.53 -6.86 -3.31
C VAL A 244 -17.30 -6.52 -4.15
N PRO A 245 -17.35 -6.76 -5.47
CA PRO A 245 -16.20 -6.42 -6.32
C PRO A 245 -16.20 -4.99 -6.83
N HIS A 246 -17.38 -4.38 -6.96
CA HIS A 246 -17.48 -3.05 -7.53
C HIS A 246 -16.95 -2.01 -6.55
N TRP A 247 -16.03 -1.16 -7.02
CA TRP A 247 -15.38 -0.21 -6.13
C TRP A 247 -16.37 0.80 -5.58
N ARG A 248 -17.26 1.32 -6.42
CA ARG A 248 -18.27 2.25 -5.94
C ARG A 248 -19.22 1.61 -4.94
N HIS A 249 -19.36 0.29 -4.98
CA HIS A 249 -20.13 -0.43 -3.97
C HIS A 249 -19.26 -0.95 -2.84
N LEU A 250 -18.00 -1.30 -3.12
CA LEU A 250 -17.12 -1.77 -2.05
C LEU A 250 -16.84 -0.66 -1.04
N GLN A 251 -16.55 0.55 -1.52
CA GLN A 251 -16.32 1.67 -0.62
C GLN A 251 -17.57 1.98 0.19
N LEU A 252 -18.74 1.93 -0.45
CA LEU A 252 -19.99 2.19 0.27
C LEU A 252 -20.23 1.13 1.34
N VAL A 253 -19.98 -0.15 1.02
CA VAL A 253 -20.18 -1.21 2.00
C VAL A 253 -19.22 -1.05 3.16
N VAL A 254 -17.98 -0.64 2.88
CA VAL A 254 -17.01 -0.45 3.95
C VAL A 254 -17.41 0.73 4.83
N SER A 255 -17.96 1.80 4.23
CA SER A 255 -18.24 3.02 4.99
C SER A 255 -19.61 3.03 5.65
N VAL A 256 -20.55 2.18 5.23
CA VAL A 256 -21.90 2.22 5.82
C VAL A 256 -21.90 1.93 7.32
N PRO A 257 -21.22 0.89 7.82
CA PRO A 257 -21.28 0.65 9.28
C PRO A 257 -20.72 1.79 10.11
N PHE A 258 -19.87 2.65 9.54
CA PHE A 258 -19.43 3.84 10.26
C PHE A 258 -20.59 4.81 10.51
N PHE A 259 -21.62 4.80 9.65
CA PHE A 259 -22.80 5.62 9.90
C PHE A 259 -23.51 5.18 11.18
N ILE A 260 -23.78 3.88 11.31
CA ILE A 260 -24.39 3.40 12.54
C ILE A 260 -23.43 3.55 13.71
N ALA A 261 -22.12 3.53 13.44
CA ALA A 261 -21.14 3.78 14.49
C ALA A 261 -21.30 5.18 15.07
N PHE A 262 -21.38 6.19 14.19
CA PHE A 262 -21.64 7.54 14.66
C PHE A 262 -23.02 7.65 15.30
N ILE A 263 -23.99 6.87 14.81
CA ILE A 263 -25.34 6.93 15.36
C ILE A 263 -25.36 6.47 16.82
N TYR A 264 -24.68 5.37 17.11
CA TYR A 264 -24.72 4.79 18.45
C TYR A 264 -23.53 5.19 19.31
N SER A 265 -22.62 6.02 18.78
CA SER A 265 -21.49 6.49 19.57
C SER A 265 -21.88 7.49 20.65
N TRP A 266 -23.13 7.97 20.64
CA TRP A 266 -23.60 8.84 21.72
C TRP A 266 -23.76 8.09 23.04
N PHE A 267 -23.70 6.76 23.02
CA PHE A 267 -23.87 5.95 24.22
C PHE A 267 -22.57 5.73 24.98
N PHE A 268 -21.46 6.26 24.50
CA PHE A 268 -20.19 6.12 25.21
C PHE A 268 -20.22 6.92 26.51
N ILE A 269 -19.29 6.59 27.40
CA ILE A 269 -19.09 7.33 28.65
C ILE A 269 -17.68 7.90 28.63
N GLU A 270 -17.55 9.19 28.86
CA GLU A 270 -16.25 9.86 28.83
C GLU A 270 -15.36 9.36 29.96
N SER A 271 -14.06 9.35 29.69
CA SER A 271 -13.10 8.91 30.70
C SER A 271 -13.06 9.89 31.85
N ALA A 272 -13.10 9.37 33.08
CA ALA A 272 -13.12 10.21 34.26
C ALA A 272 -11.78 10.90 34.49
N ARG A 273 -10.68 10.31 34.00
CA ARG A 273 -9.37 10.91 34.20
C ARG A 273 -9.27 12.26 33.47
N TRP A 274 -9.82 12.34 32.26
CA TRP A 274 -9.83 13.62 31.55
C TRP A 274 -10.65 14.65 32.29
N TYR A 275 -11.79 14.24 32.87
CA TYR A 275 -12.59 15.15 33.67
C TYR A 275 -11.80 15.66 34.87
N SER A 276 -11.06 14.77 35.53
CA SER A 276 -10.22 15.19 36.66
C SER A 276 -9.15 16.16 36.21
N SER A 277 -8.53 15.91 35.06
CA SER A 277 -7.48 16.78 34.56
C SER A 277 -8.00 18.14 34.12
N SER A 278 -9.32 18.28 33.95
CA SER A 278 -9.91 19.55 33.53
C SER A 278 -10.26 20.46 34.69
N GLY A 279 -9.98 20.05 35.93
CA GLY A 279 -10.26 20.87 37.08
C GLY A 279 -11.66 20.76 37.63
N ARG A 280 -12.46 19.81 37.13
CA ARG A 280 -13.83 19.60 37.61
C ARG A 280 -13.98 18.18 38.10
N LEU A 281 -14.65 18.02 39.25
CA LEU A 281 -14.85 16.71 39.85
C LEU A 281 -16.31 16.31 39.98
N ASP A 282 -17.25 17.24 39.88
CA ASP A 282 -18.67 16.87 39.89
C ASP A 282 -19.00 15.98 38.69
N LEU A 283 -18.46 16.31 37.52
CA LEU A 283 -18.66 15.47 36.36
C LEU A 283 -18.04 14.08 36.56
N THR A 284 -16.88 14.02 37.21
CA THR A 284 -16.26 12.73 37.51
C THR A 284 -17.13 11.91 38.44
N LEU A 285 -17.70 12.54 39.48
CA LEU A 285 -18.58 11.84 40.39
C LEU A 285 -19.83 11.34 39.66
N ARG A 286 -20.41 12.17 38.79
CA ARG A 286 -21.58 11.76 38.03
C ARG A 286 -21.25 10.58 37.12
N ALA A 287 -20.10 10.63 36.45
CA ALA A 287 -19.71 9.53 35.56
C ALA A 287 -19.50 8.24 36.34
N LEU A 288 -18.84 8.32 37.50
CA LEU A 288 -18.59 7.12 38.29
C LEU A 288 -19.89 6.56 38.86
N GLN A 289 -20.81 7.43 39.28
CA GLN A 289 -22.11 6.95 39.75
C GLN A 289 -22.89 6.29 38.62
N ARG A 290 -22.83 6.86 37.42
CA ARG A 290 -23.47 6.23 36.26
C ARG A 290 -22.85 4.87 35.98
N VAL A 291 -21.52 4.78 36.07
CA VAL A 291 -20.84 3.50 35.86
C VAL A 291 -21.31 2.47 36.87
N ALA A 292 -21.41 2.88 38.14
CA ALA A 292 -21.90 1.96 39.17
C ALA A 292 -23.35 1.55 38.88
N ARG A 293 -24.16 2.49 38.40
CA ARG A 293 -25.55 2.16 38.05
C ARG A 293 -25.60 1.12 36.95
N ILE A 294 -24.79 1.28 35.91
CA ILE A 294 -24.74 0.27 34.86
C ILE A 294 -24.14 -1.02 35.39
N ASN A 295 -23.06 -0.92 36.18
CA ASN A 295 -22.44 -2.10 36.75
C ASN A 295 -23.30 -2.74 37.84
N GLY A 296 -24.26 -2.00 38.39
CA GLY A 296 -25.11 -2.51 39.45
C GLY A 296 -24.56 -2.32 40.85
N LYS A 297 -23.35 -1.79 40.98
CA LYS A 297 -22.75 -1.56 42.30
C LYS A 297 -23.06 -0.16 42.83
N GLN A 298 -24.35 0.17 42.87
CA GLN A 298 -24.77 1.48 43.38
C GLN A 298 -24.53 1.59 44.89
N GLU A 299 -24.64 0.47 45.61
CA GLU A 299 -24.41 0.50 47.06
C GLU A 299 -22.99 0.92 47.38
N GLU A 300 -22.01 0.39 46.64
CA GLU A 300 -20.62 0.78 46.86
C GLU A 300 -20.31 2.16 46.28
N GLY A 301 -20.98 2.54 45.19
CA GLY A 301 -20.76 3.85 44.60
C GLY A 301 -21.42 5.00 45.33
N ALA A 302 -22.36 4.71 46.22
CA ALA A 302 -23.00 5.78 46.99
C ALA A 302 -22.02 6.47 47.91
N LYS A 303 -21.04 5.74 48.47
CA LYS A 303 -20.06 6.34 49.35
C LYS A 303 -19.17 7.34 48.61
N LEU A 304 -19.08 7.26 47.29
CA LEU A 304 -18.31 8.23 46.53
C LEU A 304 -18.98 9.60 46.60
N SER A 305 -18.15 10.64 46.71
CA SER A 305 -18.64 12.01 46.80
C SER A 305 -17.52 12.95 46.38
N ILE A 306 -17.82 14.25 46.37
CA ILE A 306 -16.82 15.25 46.00
C ILE A 306 -15.67 15.25 47.00
N GLU A 307 -15.99 15.18 48.29
CA GLU A 307 -14.95 15.20 49.32
C GLU A 307 -14.02 13.99 49.19
N VAL A 308 -14.59 12.81 48.95
CA VAL A 308 -13.76 11.61 48.79
C VAL A 308 -12.92 11.72 47.53
N LEU A 309 -13.50 12.21 46.43
CA LEU A 309 -12.76 12.34 45.18
C LEU A 309 -11.65 13.38 45.31
N ARG A 310 -11.91 14.48 46.04
CA ARG A 310 -10.91 15.53 46.17
C ARG A 310 -9.64 15.02 46.85
N THR A 311 -9.79 14.20 47.87
CA THR A 311 -8.64 13.64 48.58
C THR A 311 -8.04 12.43 47.89
N SER A 312 -8.64 11.96 46.80
CA SER A 312 -8.17 10.76 46.11
C SER A 312 -7.70 11.00 44.68
N LEU A 313 -8.09 12.11 44.06
CA LEU A 313 -7.68 12.41 42.70
C LEU A 313 -6.36 13.17 42.63
N GLN A 314 -5.69 13.38 43.76
CA GLN A 314 -4.41 14.06 43.78
C GLN A 314 -3.40 13.22 42.99
N SER A 325 6.21 20.24 24.66
CA SER A 325 7.46 19.81 25.26
C SER A 325 8.39 19.22 24.20
N ALA A 326 8.12 19.51 22.94
CA ALA A 326 8.94 19.00 21.85
C ALA A 326 10.25 19.77 21.69
N MET A 327 10.36 20.96 22.28
CA MET A 327 11.59 21.75 22.15
C MET A 327 12.74 21.07 22.87
N GLU A 328 12.54 20.68 24.13
CA GLU A 328 13.59 20.00 24.87
C GLU A 328 13.94 18.64 24.28
N LEU A 329 13.03 18.06 23.48
CA LEU A 329 13.34 16.81 22.79
C LEU A 329 14.48 17.00 21.80
N LEU A 330 14.48 18.12 21.08
CA LEU A 330 15.54 18.46 20.14
C LEU A 330 16.64 19.31 20.76
N ARG A 331 16.48 19.72 22.03
CA ARG A 331 17.51 20.52 22.70
C ARG A 331 18.57 19.64 23.36
N CYS A 332 18.15 18.68 24.18
CA CYS A 332 19.11 17.85 24.88
C CYS A 332 19.85 16.93 23.90
N PRO A 333 21.17 16.81 24.02
CA PRO A 333 21.95 16.05 23.03
C PRO A 333 21.59 14.57 22.97
N THR A 334 21.67 13.87 24.11
CA THR A 334 21.33 12.45 24.11
C THR A 334 19.86 12.23 23.77
N LEU A 335 18.99 13.12 24.24
CA LEU A 335 17.58 13.04 23.86
C LEU A 335 17.41 13.26 22.36
N ARG A 336 18.19 14.17 21.78
CA ARG A 336 18.11 14.39 20.34
C ARG A 336 18.55 13.15 19.56
N HIS A 337 19.66 12.53 19.99
CA HIS A 337 20.11 11.31 19.33
C HIS A 337 19.07 10.20 19.45
N LEU A 338 18.48 10.05 20.64
CA LEU A 338 17.48 9.02 20.85
C LEU A 338 16.24 9.26 20.00
N PHE A 339 15.82 10.52 19.90
CA PHE A 339 14.70 10.86 19.04
C PHE A 339 15.01 10.58 17.57
N LEU A 340 16.23 10.87 17.14
CA LEU A 340 16.62 10.58 15.76
C LEU A 340 16.55 9.08 15.48
N CYS A 341 17.08 8.27 16.40
CA CYS A 341 17.06 6.82 16.21
C CYS A 341 15.63 6.30 16.18
N LEU A 342 14.79 6.76 17.11
CA LEU A 342 13.41 6.28 17.16
C LEU A 342 12.63 6.75 15.93
N SER A 343 12.93 7.96 15.44
CA SER A 343 12.31 8.44 14.22
C SER A 343 12.65 7.56 13.04
N MET A 344 13.93 7.19 12.91
CA MET A 344 14.32 6.30 11.82
C MET A 344 13.63 4.95 11.94
N LEU A 345 13.55 4.42 13.17
CA LEU A 345 12.90 3.13 13.37
C LEU A 345 11.43 3.17 12.95
N TRP A 346 10.68 4.15 13.46
CA TRP A 346 9.27 4.27 13.11
C TRP A 346 9.09 4.50 11.61
N PHE A 347 9.92 5.37 11.03
CA PHE A 347 9.84 5.67 9.61
C PHE A 347 9.98 4.41 8.78
N ALA A 348 11.04 3.64 9.03
CA ALA A 348 11.27 2.44 8.23
C ALA A 348 10.19 1.38 8.46
N THR A 349 9.76 1.22 9.71
CA THR A 349 8.73 0.22 9.98
C THR A 349 7.45 0.53 9.21
N SER A 350 6.96 1.77 9.32
CA SER A 350 5.75 2.14 8.59
C SER A 350 5.96 2.09 7.08
N PHE A 351 7.12 2.56 6.62
CA PHE A 351 7.49 2.48 5.21
C PHE A 351 7.30 1.08 4.67
N ALA A 352 8.03 0.12 5.23
CA ALA A 352 7.98 -1.25 4.73
C ALA A 352 6.58 -1.85 4.88
N TYR A 353 5.94 -1.64 6.03
CA TYR A 353 4.64 -2.26 6.26
C TYR A 353 3.62 -1.80 5.24
N TYR A 354 3.48 -0.48 5.06
CA TYR A 354 2.47 0.03 4.13
C TYR A 354 2.84 -0.27 2.68
N GLY A 355 4.12 -0.16 2.33
CA GLY A 355 4.52 -0.46 0.97
C GLY A 355 4.27 -1.90 0.58
N LEU A 356 4.51 -2.84 1.51
CA LEU A 356 4.28 -4.24 1.22
C LEU A 356 2.80 -4.59 1.26
N VAL A 357 2.04 -3.98 2.18
CA VAL A 357 0.63 -4.29 2.30
C VAL A 357 -0.15 -3.77 1.09
N MET A 358 0.19 -2.57 0.63
CA MET A 358 -0.58 -1.92 -0.43
C MET A 358 -0.21 -2.40 -1.83
N ASP A 359 0.47 -3.53 -1.97
CA ASP A 359 0.82 -4.08 -3.29
C ASP A 359 0.53 -5.58 -3.27
N LEU A 360 -0.70 -5.93 -3.65
CA LEU A 360 -1.09 -7.33 -3.78
C LEU A 360 -1.67 -7.61 -5.17
N GLN A 361 -1.21 -6.86 -6.18
CA GLN A 361 -1.65 -7.06 -7.55
C GLN A 361 -0.68 -7.91 -8.36
N GLY A 362 0.61 -7.58 -8.31
CA GLY A 362 1.61 -8.32 -9.05
C GLY A 362 2.22 -9.46 -8.25
N PHE A 363 1.39 -10.21 -7.52
CA PHE A 363 1.84 -11.35 -6.74
C PHE A 363 1.24 -12.67 -7.24
N GLY A 364 0.71 -12.68 -8.47
CA GLY A 364 0.22 -13.90 -9.07
C GLY A 364 -1.12 -14.38 -8.55
N VAL A 365 -1.18 -14.69 -7.26
CA VAL A 365 -2.41 -15.22 -6.68
C VAL A 365 -3.48 -14.12 -6.63
N SER A 366 -4.73 -14.55 -6.55
CA SER A 366 -5.85 -13.61 -6.49
C SER A 366 -5.77 -12.74 -5.24
N MET A 367 -6.34 -11.54 -5.35
CA MET A 367 -6.22 -10.56 -4.27
C MET A 367 -6.89 -11.04 -2.99
N TYR A 368 -8.07 -11.66 -3.11
CA TYR A 368 -8.81 -12.06 -1.91
C TYR A 368 -8.07 -13.12 -1.12
N LEU A 369 -7.53 -14.14 -1.81
CA LEU A 369 -6.81 -15.20 -1.11
C LEU A 369 -5.54 -14.67 -0.44
N ILE A 370 -4.77 -13.85 -1.15
CA ILE A 370 -3.55 -13.33 -0.54
C ILE A 370 -3.88 -12.39 0.61
N GLN A 371 -4.98 -11.64 0.52
CA GLN A 371 -5.36 -10.76 1.62
C GLN A 371 -5.79 -11.56 2.85
N VAL A 372 -6.56 -12.64 2.64
CA VAL A 372 -6.97 -13.43 3.79
C VAL A 372 -5.78 -14.15 4.42
N ILE A 373 -4.81 -14.58 3.60
CA ILE A 373 -3.60 -15.18 4.17
C ILE A 373 -2.77 -14.15 4.91
N PHE A 374 -2.72 -12.92 4.39
CA PHE A 374 -2.07 -11.82 5.12
C PHE A 374 -2.71 -11.62 6.48
N GLY A 375 -4.04 -11.61 6.53
CA GLY A 375 -4.73 -11.46 7.80
C GLY A 375 -4.48 -12.63 8.73
N ALA A 376 -4.38 -13.84 8.18
CA ALA A 376 -4.16 -15.02 9.00
C ALA A 376 -2.76 -15.02 9.61
N VAL A 377 -1.76 -14.60 8.85
CA VAL A 377 -0.38 -14.64 9.33
C VAL A 377 -0.09 -13.62 10.42
N ASP A 378 -1.01 -12.70 10.68
CA ASP A 378 -0.76 -11.61 11.63
C ASP A 378 -0.60 -12.16 13.04
N LEU A 379 -1.55 -12.96 13.51
CA LEU A 379 -1.56 -13.39 14.90
C LEU A 379 -0.37 -14.27 15.28
N PRO A 380 -0.02 -15.32 14.52
CA PRO A 380 1.15 -16.12 14.92
C PRO A 380 2.44 -15.32 14.97
N ALA A 381 2.61 -14.36 14.06
CA ALA A 381 3.79 -13.50 14.11
C ALA A 381 3.81 -12.67 15.39
N LYS A 382 2.66 -12.13 15.79
CA LYS A 382 2.59 -11.37 17.03
C LYS A 382 2.92 -12.25 18.24
N PHE A 383 2.38 -13.47 18.27
CA PHE A 383 2.66 -14.37 19.38
C PHE A 383 4.15 -14.72 19.45
N VAL A 384 4.75 -15.03 18.31
CA VAL A 384 6.17 -15.38 18.28
C VAL A 384 7.01 -14.19 18.71
N CYS A 385 6.68 -12.99 18.23
CA CYS A 385 7.43 -11.80 18.61
C CYS A 385 7.32 -11.52 20.10
N PHE A 386 6.11 -11.67 20.66
CA PHE A 386 5.96 -11.47 22.09
C PHE A 386 6.78 -12.47 22.90
N LEU A 387 6.77 -13.73 22.47
CA LEU A 387 7.59 -14.73 23.14
C LEU A 387 9.07 -14.37 23.06
N VAL A 388 9.52 -13.91 21.89
CA VAL A 388 10.93 -13.58 21.72
C VAL A 388 11.32 -12.38 22.58
N ILE A 389 10.49 -11.33 22.58
CA ILE A 389 10.84 -10.13 23.34
C ILE A 389 10.79 -10.39 24.83
N ASN A 390 9.91 -11.28 25.28
CA ASN A 390 9.89 -11.67 26.69
C ASN A 390 10.90 -12.75 27.02
N SER A 391 11.58 -13.31 26.01
CA SER A 391 12.55 -14.38 26.24
C SER A 391 13.99 -13.89 26.21
N MET A 392 14.42 -13.29 25.10
CA MET A 392 15.83 -12.97 24.91
C MET A 392 16.12 -11.48 24.84
N GLY A 393 15.16 -10.66 24.43
CA GLY A 393 15.40 -9.23 24.37
C GLY A 393 14.52 -8.56 23.35
N ARG A 394 14.57 -7.23 23.36
CA ARG A 394 13.77 -6.39 22.48
C ARG A 394 14.57 -5.89 21.28
N ARG A 395 15.77 -5.37 21.51
CA ARG A 395 16.61 -4.93 20.40
C ARG A 395 17.03 -6.07 19.48
N PRO A 396 17.46 -7.24 19.98
CA PRO A 396 17.69 -8.36 19.04
C PRO A 396 16.45 -8.79 18.30
N ALA A 397 15.27 -8.70 18.92
CA ALA A 397 14.03 -8.99 18.22
C ALA A 397 13.79 -7.99 17.09
N GLN A 398 14.05 -6.71 17.37
CA GLN A 398 13.93 -5.70 16.32
C GLN A 398 14.91 -5.97 15.19
N MET A 399 16.12 -6.40 15.51
CA MET A 399 17.06 -6.84 14.49
C MET A 399 16.45 -7.95 13.62
N ALA A 400 16.13 -9.08 14.26
CA ALA A 400 15.67 -10.25 13.54
C ALA A 400 14.33 -10.03 12.84
N SER A 401 13.63 -8.95 13.17
CA SER A 401 12.42 -8.58 12.44
C SER A 401 12.73 -7.65 11.26
N LEU A 402 13.35 -6.51 11.53
CA LEU A 402 13.55 -5.50 10.50
C LEU A 402 14.52 -5.97 9.42
N LEU A 403 15.67 -6.53 9.80
CA LEU A 403 16.63 -6.96 8.80
C LEU A 403 16.08 -8.12 7.97
N LEU A 404 15.39 -9.05 8.62
CA LEU A 404 14.77 -10.16 7.89
C LEU A 404 13.72 -9.65 6.91
N ALA A 405 12.90 -8.68 7.33
CA ALA A 405 11.89 -8.13 6.44
C ALA A 405 12.53 -7.41 5.25
N GLY A 406 13.59 -6.65 5.51
CA GLY A 406 14.28 -5.98 4.41
C GLY A 406 14.88 -6.95 3.43
N ILE A 407 15.52 -8.01 3.93
CA ILE A 407 16.08 -9.03 3.05
C ILE A 407 14.97 -9.70 2.25
N CYS A 408 13.83 -9.97 2.89
CA CYS A 408 12.70 -10.57 2.19
C CYS A 408 12.21 -9.66 1.07
N ILE A 409 12.13 -8.35 1.32
CA ILE A 409 11.65 -7.44 0.28
C ILE A 409 12.65 -7.34 -0.86
N LEU A 410 13.96 -7.33 -0.54
CA LEU A 410 14.97 -7.34 -1.60
C LEU A 410 14.84 -8.58 -2.47
N VAL A 411 14.78 -9.77 -1.86
CA VAL A 411 14.73 -10.99 -2.67
C VAL A 411 13.39 -11.10 -3.40
N ASN A 412 12.33 -10.51 -2.84
CA ASN A 412 11.06 -10.43 -3.57
C ASN A 412 11.20 -9.55 -4.81
N GLY A 413 11.88 -8.41 -4.67
CA GLY A 413 12.07 -7.53 -5.81
C GLY A 413 13.02 -8.06 -6.86
N ILE A 414 13.94 -8.94 -6.47
CA ILE A 414 14.90 -9.50 -7.42
C ILE A 414 14.41 -10.79 -8.06
N ILE A 415 13.43 -11.47 -7.46
CA ILE A 415 12.91 -12.72 -8.04
C ILE A 415 12.10 -12.39 -9.29
N PRO A 416 12.25 -13.16 -10.37
CA PRO A 416 11.49 -12.86 -11.59
C PRO A 416 9.98 -12.99 -11.39
N LYS A 417 9.24 -12.22 -12.16
CA LYS A 417 7.78 -12.17 -12.04
C LYS A 417 7.13 -13.52 -12.35
N SER A 418 7.83 -14.41 -13.05
CA SER A 418 7.25 -15.69 -13.41
C SER A 418 6.86 -16.51 -12.18
N HIS A 419 7.73 -16.53 -11.17
CA HIS A 419 7.44 -17.27 -9.95
C HIS A 419 6.27 -16.64 -9.21
N THR A 420 5.35 -17.47 -8.74
CA THR A 420 4.15 -17.01 -8.05
C THR A 420 4.06 -17.49 -6.62
N ILE A 421 4.15 -18.80 -6.38
CA ILE A 421 3.96 -19.32 -5.03
C ILE A 421 5.11 -18.90 -4.12
N ILE A 422 6.34 -18.87 -4.65
CA ILE A 422 7.48 -18.43 -3.86
C ILE A 422 7.32 -16.96 -3.51
N ARG A 423 6.90 -16.15 -4.47
CA ARG A 423 6.68 -14.72 -4.21
C ARG A 423 5.59 -14.51 -3.16
N THR A 424 4.51 -15.29 -3.24
CA THR A 424 3.43 -15.14 -2.27
C THR A 424 3.86 -15.55 -0.86
N SER A 425 4.62 -16.65 -0.75
CA SER A 425 5.13 -17.07 0.55
C SER A 425 6.08 -16.01 1.11
N LEU A 426 6.92 -15.45 0.25
CA LEU A 426 7.82 -14.38 0.68
C LEU A 426 7.02 -13.18 1.17
N ALA A 427 5.94 -12.82 0.46
CA ALA A 427 5.14 -11.68 0.85
C ALA A 427 4.46 -11.90 2.20
N VAL A 428 3.90 -13.09 2.43
CA VAL A 428 3.21 -13.32 3.70
C VAL A 428 4.22 -13.36 4.84
N LEU A 429 5.40 -13.94 4.61
CA LEU A 429 6.45 -13.91 5.62
C LEU A 429 6.86 -12.47 5.93
N GLY A 430 6.97 -11.64 4.91
CA GLY A 430 7.31 -10.24 5.13
C GLY A 430 6.24 -9.49 5.90
N LYS A 431 4.97 -9.77 5.60
CA LYS A 431 3.89 -9.12 6.34
C LYS A 431 3.91 -9.53 7.81
N GLY A 432 4.13 -10.82 8.09
CA GLY A 432 4.29 -11.24 9.48
C GLY A 432 5.47 -10.57 10.14
N CYS A 433 6.58 -10.44 9.42
CA CYS A 433 7.76 -9.77 9.96
C CYS A 433 7.47 -8.31 10.30
N LEU A 434 6.73 -7.63 9.42
CA LEU A 434 6.40 -6.23 9.69
C LEU A 434 5.46 -6.09 10.88
N ALA A 435 4.49 -6.99 11.02
CA ALA A 435 3.61 -6.94 12.18
C ALA A 435 4.41 -7.16 13.47
N SER A 436 5.32 -8.13 13.46
CA SER A 436 6.17 -8.37 14.62
C SER A 436 7.05 -7.15 14.91
N SER A 437 7.58 -6.53 13.85
CA SER A 437 8.41 -5.33 14.03
C SER A 437 7.61 -4.20 14.65
N PHE A 438 6.37 -4.01 14.19
CA PHE A 438 5.52 -2.96 14.74
C PHE A 438 5.26 -3.20 16.22
N ASN A 439 4.88 -4.43 16.58
CA ASN A 439 4.65 -4.72 17.99
C ASN A 439 5.90 -4.53 18.83
N CYS A 440 7.04 -5.01 18.34
CA CYS A 440 8.28 -4.90 19.10
C CYS A 440 8.72 -3.45 19.26
N ILE A 441 8.61 -2.65 18.20
CA ILE A 441 9.03 -1.26 18.31
C ILE A 441 8.10 -0.49 19.24
N PHE A 442 6.80 -0.80 19.22
CA PHE A 442 5.90 -0.15 20.17
C PHE A 442 6.26 -0.52 21.60
N LEU A 443 6.44 -1.81 21.88
CA LEU A 443 6.74 -2.23 23.25
C LEU A 443 8.13 -1.81 23.70
N TYR A 444 9.03 -1.48 22.76
CA TYR A 444 10.36 -1.02 23.11
C TYR A 444 10.39 0.49 23.36
N THR A 445 9.76 1.26 22.46
CA THR A 445 9.65 2.70 22.65
C THR A 445 8.76 3.05 23.84
N GLY A 446 7.87 2.14 24.26
CA GLY A 446 7.09 2.40 25.46
C GLY A 446 7.93 2.41 26.72
N GLU A 447 8.94 1.57 26.81
CA GLU A 447 9.78 1.48 28.00
C GLU A 447 11.16 2.10 27.80
N LEU A 448 11.41 2.73 26.66
CA LEU A 448 12.68 3.40 26.47
C LEU A 448 12.71 4.79 27.11
N TYR A 449 11.82 5.67 26.69
CA TYR A 449 11.91 7.08 27.06
C TYR A 449 11.70 7.28 28.55
N PRO A 450 12.34 8.30 29.14
CA PRO A 450 12.07 8.61 30.54
C PRO A 450 10.62 9.03 30.74
N THR A 451 10.11 8.79 31.95
CA THR A 451 8.70 9.02 32.24
C THR A 451 8.31 10.49 32.09
N VAL A 452 9.29 11.40 32.12
CA VAL A 452 8.98 12.82 31.98
C VAL A 452 8.41 13.12 30.60
N ILE A 453 9.03 12.56 29.54
CA ILE A 453 8.69 12.90 28.17
C ILE A 453 8.30 11.66 27.37
N ARG A 454 7.94 10.57 28.06
CA ARG A 454 7.65 9.31 27.38
C ARG A 454 6.46 9.43 26.44
N GLN A 455 5.38 10.06 26.90
CA GLN A 455 4.20 10.21 26.06
C GLN A 455 4.48 11.08 24.84
N THR A 456 5.22 12.16 25.03
CA THR A 456 5.60 13.00 23.90
C THR A 456 6.50 12.24 22.93
N GLY A 457 7.38 11.39 23.46
CA GLY A 457 8.20 10.56 22.60
C GLY A 457 7.37 9.57 21.78
N LEU A 458 6.37 8.97 22.41
CA LEU A 458 5.48 8.07 21.68
C LEU A 458 4.73 8.81 20.59
N GLY A 459 4.24 10.02 20.90
CA GLY A 459 3.56 10.82 19.90
C GLY A 459 4.46 11.18 18.73
N MET A 460 5.70 11.58 19.03
CA MET A 460 6.65 11.91 17.98
C MET A 460 6.98 10.70 17.11
N GLY A 461 7.13 9.54 17.74
CA GLY A 461 7.36 8.33 16.97
C GLY A 461 6.20 7.98 16.07
N SER A 462 4.97 8.14 16.57
CA SER A 462 3.79 7.90 15.73
C SER A 462 3.73 8.88 14.58
N THR A 463 4.08 10.15 14.83
CA THR A 463 4.11 11.15 13.77
C THR A 463 5.15 10.79 12.71
N MET A 464 6.32 10.30 13.14
CA MET A 464 7.34 9.90 12.18
C MET A 464 6.89 8.68 11.38
N ALA A 465 6.21 7.74 12.02
CA ALA A 465 5.66 6.61 11.28
C ALA A 465 4.63 7.07 10.26
N ARG A 466 3.82 8.07 10.62
CA ARG A 466 2.81 8.55 9.69
C ARG A 466 3.43 9.31 8.52
N VAL A 467 4.52 10.06 8.77
CA VAL A 467 5.17 10.73 7.65
C VAL A 467 5.89 9.71 6.76
N GLY A 468 6.42 8.63 7.34
CA GLY A 468 6.95 7.55 6.52
C GLY A 468 5.87 6.93 5.65
N SER A 469 4.69 6.70 6.23
CA SER A 469 3.56 6.21 5.44
C SER A 469 3.11 7.23 4.40
N ILE A 470 3.36 8.51 4.66
CA ILE A 470 3.10 9.55 3.66
C ILE A 470 4.04 9.37 2.48
N VAL A 471 5.33 9.16 2.75
CA VAL A 471 6.33 9.13 1.70
C VAL A 471 6.29 7.82 0.93
N SER A 472 5.84 6.73 1.54
CA SER A 472 5.89 5.43 0.87
C SER A 472 5.14 5.40 -0.46
N PRO A 473 3.88 5.83 -0.56
CA PRO A 473 3.25 5.89 -1.89
C PRO A 473 3.96 6.83 -2.83
N LEU A 474 4.56 7.91 -2.32
CA LEU A 474 5.34 8.79 -3.19
C LEU A 474 6.55 8.05 -3.77
N VAL A 475 7.17 7.17 -2.98
CA VAL A 475 8.26 6.36 -3.51
C VAL A 475 7.73 5.37 -4.53
N SER A 476 6.61 4.72 -4.24
CA SER A 476 6.01 3.80 -5.21
C SER A 476 5.61 4.51 -6.51
N MET A 477 5.39 5.82 -6.44
CA MET A 477 5.08 6.59 -7.64
C MET A 477 6.19 6.52 -8.68
N THR A 478 7.43 6.34 -8.23
CA THR A 478 8.59 6.36 -9.12
C THR A 478 8.81 5.04 -9.85
N ALA A 479 7.78 4.20 -9.95
CA ALA A 479 7.90 2.97 -10.72
C ALA A 479 8.07 3.23 -12.21
N GLU A 480 7.83 4.45 -12.68
CA GLU A 480 8.04 4.76 -14.09
C GLU A 480 9.50 4.62 -14.48
N PHE A 481 10.41 5.07 -13.61
CA PHE A 481 11.84 4.96 -13.91
C PHE A 481 12.28 3.50 -13.99
N TYR A 482 11.81 2.67 -13.06
CA TYR A 482 12.13 1.26 -13.04
C TYR A 482 10.94 0.51 -12.45
N PRO A 483 10.50 -0.58 -13.09
CA PRO A 483 9.34 -1.31 -12.57
C PRO A 483 9.56 -1.92 -11.20
N SER A 484 10.80 -2.16 -10.79
CA SER A 484 11.08 -2.83 -9.53
C SER A 484 11.81 -1.96 -8.51
N MET A 485 12.03 -0.68 -8.80
CA MET A 485 12.73 0.19 -7.86
C MET A 485 11.90 0.53 -6.62
N PRO A 486 10.55 0.63 -6.67
CA PRO A 486 9.82 0.83 -5.42
C PRO A 486 10.05 -0.28 -4.42
N LEU A 487 10.05 -1.54 -4.87
CA LEU A 487 10.35 -2.64 -3.97
C LEU A 487 11.79 -2.57 -3.46
N PHE A 488 12.71 -2.16 -4.32
CA PHE A 488 14.11 -2.04 -3.90
C PHE A 488 14.26 -1.03 -2.77
N ILE A 489 13.60 0.12 -2.88
CA ILE A 489 13.69 1.13 -1.82
C ILE A 489 12.96 0.66 -0.57
N PHE A 490 11.76 0.07 -0.76
CA PHE A 490 10.96 -0.43 0.35
C PHE A 490 11.72 -1.48 1.15
N GLY A 491 12.63 -2.19 0.51
CA GLY A 491 13.48 -3.12 1.22
C GLY A 491 14.72 -2.48 1.81
N ALA A 492 15.33 -1.56 1.05
CA ALA A 492 16.60 -0.97 1.46
C ALA A 492 16.48 -0.14 2.72
N VAL A 493 15.42 0.65 2.83
CA VAL A 493 15.29 1.56 3.97
C VAL A 493 15.21 0.77 5.28
N PRO A 494 14.41 -0.33 5.37
CA PRO A 494 14.44 -1.14 6.59
C PRO A 494 15.82 -1.66 6.94
N VAL A 495 16.64 -2.00 5.94
CA VAL A 495 17.99 -2.50 6.21
C VAL A 495 18.82 -1.42 6.88
N VAL A 496 18.73 -0.19 6.37
CA VAL A 496 19.47 0.92 6.97
C VAL A 496 18.99 1.17 8.40
N ALA A 497 17.67 1.09 8.63
CA ALA A 497 17.16 1.31 9.98
C ALA A 497 17.60 0.20 10.92
N SER A 498 17.65 -1.05 10.44
CA SER A 498 18.15 -2.14 11.26
C SER A 498 19.62 -1.96 11.61
N ALA A 499 20.41 -1.46 10.65
CA ALA A 499 21.81 -1.15 10.96
C ALA A 499 21.91 -0.03 11.99
N VAL A 500 21.02 0.96 11.89
CA VAL A 500 21.01 2.10 12.82
C VAL A 500 20.58 1.70 14.22
N THR A 501 19.61 0.81 14.36
CA THR A 501 19.03 0.44 15.65
C THR A 501 19.99 -0.34 16.55
N ALA A 502 21.14 -0.77 16.02
CA ALA A 502 22.12 -1.49 16.82
C ALA A 502 22.80 -0.62 17.87
N LEU A 503 22.70 0.70 17.76
CA LEU A 503 23.34 1.63 18.67
C LEU A 503 22.42 2.00 19.83
N LEU A 504 21.26 1.36 19.93
CA LEU A 504 20.32 1.66 21.01
C LEU A 504 20.56 0.75 22.20
N PRO A 505 20.41 1.28 23.42
CA PRO A 505 20.61 0.45 24.61
C PRO A 505 19.54 -0.63 24.74
N GLU A 506 19.94 -1.75 25.33
CA GLU A 506 19.03 -2.85 25.60
C GLU A 506 18.28 -2.60 26.90
N THR A 507 16.97 -2.86 26.88
CA THR A 507 16.09 -2.56 28.01
C THR A 507 15.43 -3.83 28.56
N LEU A 508 16.20 -4.91 28.68
CA LEU A 508 15.69 -6.10 29.35
C LEU A 508 15.80 -6.04 30.87
N GLY A 509 16.67 -5.17 31.39
CA GLY A 509 16.81 -5.05 32.83
C GLY A 509 15.65 -4.36 33.51
N GLN A 510 14.75 -3.76 32.73
CA GLN A 510 13.60 -3.03 33.26
C GLN A 510 14.01 -2.00 34.32
N PRO A 511 14.82 -1.00 33.94
CA PRO A 511 15.21 0.02 34.93
C PRO A 511 14.17 1.11 35.07
N LEU A 512 13.32 1.27 34.04
CA LEU A 512 12.25 2.27 34.02
C LEU A 512 12.79 3.65 34.33
N PRO A 513 13.50 4.28 33.40
CA PRO A 513 14.09 5.60 33.67
C PRO A 513 13.02 6.62 34.05
N ASP A 514 13.37 7.50 34.98
CA ASP A 514 12.44 8.50 35.52
C ASP A 514 12.66 9.85 34.85
N THR A 515 13.87 10.38 34.92
CA THR A 515 14.17 11.72 34.41
C THR A 515 15.37 11.64 33.48
N VAL A 516 15.79 12.81 32.99
CA VAL A 516 16.93 12.88 32.08
C VAL A 516 18.21 12.45 32.79
N GLN A 517 18.40 12.90 34.04
CA GLN A 517 19.59 12.53 34.79
C GLN A 517 19.65 11.02 35.02
N ASP A 518 18.51 10.41 35.35
CA ASP A 518 18.47 8.96 35.50
C ASP A 518 18.79 8.25 34.20
N LEU A 519 18.36 8.83 33.07
CA LEU A 519 18.72 8.27 31.77
C LEU A 519 20.22 8.31 31.55
N LYS A 520 20.86 9.43 31.91
CA LYS A 520 22.30 9.56 31.70
C LYS A 520 23.08 8.57 32.55
N SER A 521 22.69 8.39 33.82
CA SER A 521 23.42 7.49 34.70
C SER A 521 23.35 6.05 34.22
N ARG A 522 22.16 5.59 33.80
CA ARG A 522 22.01 4.22 33.32
C ARG A 522 22.58 4.03 31.93
N SER A 523 22.80 5.11 31.18
CA SER A 523 23.40 4.98 29.85
C SER A 523 24.85 4.50 29.95
N ARG A 524 25.60 5.03 30.91
CA ARG A 524 26.99 4.62 31.08
C ARG A 524 27.10 3.15 31.48
N GLY A 525 26.22 2.69 32.36
CA GLY A 525 26.24 1.32 32.82
C GLY A 525 25.83 0.33 31.75
N GLN B 7 18.29 12.54 -40.47
CA GLN B 7 17.17 11.79 -39.92
C GLN B 7 17.47 10.30 -39.86
N VAL B 8 16.41 9.49 -39.81
CA VAL B 8 16.52 8.04 -39.71
C VAL B 8 15.75 7.43 -40.87
N GLN B 9 16.38 6.47 -41.55
CA GLN B 9 15.76 5.79 -42.69
C GLN B 9 15.86 4.29 -42.49
N LEU B 10 14.93 3.57 -43.11
CA LEU B 10 14.82 2.11 -43.00
C LEU B 10 14.66 1.49 -44.38
N VAL B 11 15.54 1.88 -45.30
CA VAL B 11 15.47 1.35 -46.66
C VAL B 11 15.71 -0.16 -46.63
N GLU B 12 14.79 -0.92 -47.21
CA GLU B 12 14.86 -2.37 -47.24
C GLU B 12 15.20 -2.84 -48.65
N SER B 13 15.80 -4.02 -48.72
CA SER B 13 16.16 -4.62 -50.00
C SER B 13 16.12 -6.13 -49.88
N GLY B 14 16.00 -6.80 -51.01
CA GLY B 14 15.95 -8.25 -51.07
C GLY B 14 14.66 -8.83 -51.59
N GLY B 15 13.69 -8.02 -51.99
CA GLY B 15 12.44 -8.56 -52.51
C GLY B 15 12.60 -9.12 -53.92
N GLY B 16 11.65 -9.96 -54.29
CA GLY B 16 11.67 -10.58 -55.60
C GLY B 16 10.73 -11.77 -55.66
N LEU B 17 10.96 -12.61 -56.67
CA LEU B 17 10.16 -13.80 -56.89
C LEU B 17 10.96 -15.03 -56.47
N VAL B 18 10.40 -15.82 -55.55
CA VAL B 18 11.01 -17.06 -55.10
C VAL B 18 9.96 -18.16 -55.12
N GLN B 19 10.44 -19.39 -55.24
CA GLN B 19 9.55 -20.55 -55.23
C GLN B 19 9.09 -20.85 -53.82
N ALA B 20 7.92 -21.48 -53.71
CA ALA B 20 7.38 -21.87 -52.42
C ALA B 20 8.36 -22.82 -51.72
N GLY B 21 8.62 -22.56 -50.45
CA GLY B 21 9.61 -23.30 -49.70
C GLY B 21 11.04 -22.86 -49.91
N GLY B 22 11.27 -21.81 -50.70
CA GLY B 22 12.60 -21.33 -50.94
C GLY B 22 13.14 -20.49 -49.80
N SER B 23 14.41 -20.10 -49.93
CA SER B 23 15.11 -19.35 -48.91
C SER B 23 15.37 -17.93 -49.40
N LEU B 24 15.29 -16.98 -48.47
CA LEU B 24 15.52 -15.58 -48.78
C LEU B 24 16.01 -14.89 -47.50
N ARG B 25 16.93 -13.94 -47.65
CA ARG B 25 17.44 -13.16 -46.52
C ARG B 25 17.08 -11.70 -46.76
N LEU B 26 16.43 -11.08 -45.78
CA LEU B 26 15.96 -9.72 -45.89
C LEU B 26 16.75 -8.80 -44.98
N SER B 27 16.96 -7.56 -45.43
CA SER B 27 17.74 -6.57 -44.69
C SER B 27 17.00 -5.24 -44.66
N CYS B 28 17.12 -4.55 -43.53
CA CYS B 28 16.56 -3.21 -43.35
C CYS B 28 17.70 -2.27 -43.00
N ALA B 29 18.19 -1.53 -44.00
CA ALA B 29 19.34 -0.65 -43.82
C ALA B 29 18.94 0.54 -42.96
N ALA B 30 19.39 0.55 -41.71
CA ALA B 30 19.10 1.63 -40.78
C ALA B 30 20.26 2.62 -40.75
N SER B 31 19.95 3.86 -40.36
CA SER B 31 20.94 4.91 -40.27
C SER B 31 20.51 5.91 -39.20
N GLY B 32 21.50 6.56 -38.59
CA GLY B 32 21.26 7.55 -37.58
C GLY B 32 21.08 7.01 -36.16
N PHE B 33 21.09 5.69 -35.98
CA PHE B 33 20.96 5.12 -34.65
C PHE B 33 21.52 3.72 -34.66
N PRO B 34 22.21 3.28 -33.60
CA PRO B 34 22.72 1.92 -33.57
C PRO B 34 21.60 0.89 -33.50
N VAL B 35 21.86 -0.28 -34.09
CA VAL B 35 20.86 -1.36 -34.08
C VAL B 35 20.81 -2.09 -32.75
N LYS B 36 21.64 -1.71 -31.78
CA LYS B 36 21.69 -2.36 -30.49
C LYS B 36 21.16 -1.44 -29.38
N THR B 37 20.26 -0.52 -29.72
CA THR B 37 19.74 0.44 -28.76
C THR B 37 18.24 0.39 -28.59
N GLU B 38 17.48 0.19 -29.66
CA GLU B 38 16.02 0.22 -29.61
C GLU B 38 15.47 -1.07 -30.19
N TRP B 39 14.15 -1.18 -30.19
CA TRP B 39 13.47 -2.30 -30.84
C TRP B 39 13.64 -2.21 -32.35
N MET B 40 13.43 -3.33 -33.03
CA MET B 40 13.39 -3.32 -34.49
C MET B 40 12.42 -4.43 -34.91
N GLU B 41 11.15 -4.08 -35.09
CA GLU B 41 10.11 -5.05 -35.36
C GLU B 41 9.91 -5.25 -36.86
N TRP B 42 9.12 -6.27 -37.20
CA TRP B 42 8.80 -6.57 -38.58
C TRP B 42 7.33 -6.97 -38.67
N TYR B 43 6.58 -6.26 -39.50
CA TYR B 43 5.16 -6.52 -39.72
C TYR B 43 4.92 -6.80 -41.20
N ARG B 44 3.80 -7.47 -41.47
CA ARG B 44 3.44 -7.79 -42.85
C ARG B 44 1.93 -7.78 -42.99
N GLN B 45 1.47 -7.64 -44.23
CA GLN B 45 0.05 -7.81 -44.55
C GLN B 45 -0.07 -8.41 -45.94
N ALA B 46 -0.82 -9.50 -46.04
CA ALA B 46 -1.12 -10.08 -47.33
C ALA B 46 -2.16 -9.22 -48.06
N PRO B 47 -2.19 -9.29 -49.40
CA PRO B 47 -3.22 -8.54 -50.13
C PRO B 47 -4.62 -8.91 -49.65
N GLY B 48 -5.31 -7.94 -49.06
CA GLY B 48 -6.59 -8.17 -48.44
C GLY B 48 -6.56 -8.42 -46.95
N LYS B 49 -5.37 -8.42 -46.34
CA LYS B 49 -5.19 -8.65 -44.91
C LYS B 49 -4.70 -7.39 -44.23
N GLU B 50 -4.41 -7.51 -42.94
CA GLU B 50 -3.97 -6.40 -42.10
C GLU B 50 -2.55 -6.65 -41.59
N ARG B 51 -2.00 -5.65 -40.91
CA ARG B 51 -0.67 -5.77 -40.34
C ARG B 51 -0.61 -6.93 -39.35
N GLU B 52 0.25 -7.90 -39.64
CA GLU B 52 0.42 -9.09 -38.81
C GLU B 52 1.82 -9.10 -38.21
N TRP B 53 1.89 -9.36 -36.91
CA TRP B 53 3.18 -9.41 -36.23
C TRP B 53 3.98 -10.62 -36.69
N VAL B 54 5.28 -10.44 -36.86
CA VAL B 54 6.15 -11.52 -37.34
C VAL B 54 7.27 -11.77 -36.34
N ALA B 55 8.13 -10.77 -36.12
CA ALA B 55 9.29 -10.95 -35.27
C ALA B 55 9.64 -9.62 -34.61
N ALA B 56 10.11 -9.69 -33.36
CA ALA B 56 10.52 -8.52 -32.60
C ALA B 56 11.83 -8.81 -31.90
N ILE B 57 12.66 -7.78 -31.75
CA ILE B 57 13.92 -7.88 -31.04
C ILE B 57 14.04 -6.69 -30.10
N TRP B 58 14.92 -6.82 -29.12
CA TRP B 58 15.25 -5.73 -28.21
C TRP B 58 16.75 -5.47 -28.29
N SER B 59 17.19 -4.42 -27.59
CA SER B 59 18.58 -4.02 -27.65
C SER B 59 19.47 -5.03 -26.93
N TYR B 60 20.74 -5.04 -27.32
CA TYR B 60 21.79 -5.84 -26.68
C TYR B 60 21.51 -7.34 -26.71
N GLY B 61 20.55 -7.77 -27.54
CA GLY B 61 20.27 -9.19 -27.69
C GLY B 61 19.79 -9.88 -26.43
N SER B 62 19.04 -9.18 -25.59
CA SER B 62 18.52 -9.81 -24.37
C SER B 62 17.43 -10.82 -24.69
N GLY B 63 16.56 -10.51 -25.64
CA GLY B 63 15.46 -11.41 -25.96
C GLY B 63 14.92 -11.17 -27.35
N THR B 64 14.14 -12.14 -27.81
CA THR B 64 13.54 -12.10 -29.15
C THR B 64 12.29 -12.96 -29.14
N ARG B 65 11.17 -12.40 -29.56
CA ARG B 65 9.89 -13.10 -29.56
C ARG B 65 9.37 -13.24 -30.98
N TYR B 66 8.63 -14.32 -31.22
CA TYR B 66 8.07 -14.65 -32.52
C TYR B 66 6.54 -14.70 -32.42
N ALA B 67 5.92 -15.13 -33.50
CA ALA B 67 4.47 -15.32 -33.58
C ALA B 67 4.17 -16.81 -33.77
N ASP B 68 2.87 -17.12 -33.80
CA ASP B 68 2.45 -18.51 -33.96
C ASP B 68 2.88 -19.07 -35.31
N SER B 69 2.75 -18.27 -36.37
CA SER B 69 3.06 -18.71 -37.73
C SER B 69 4.49 -18.38 -38.14
N VAL B 70 5.33 -17.92 -37.21
CA VAL B 70 6.70 -17.54 -37.54
C VAL B 70 7.68 -18.46 -36.83
N LYS B 71 7.24 -19.08 -35.73
CA LYS B 71 8.11 -19.95 -34.97
C LYS B 71 8.56 -21.14 -35.82
N GLY B 72 9.87 -21.41 -35.81
CA GLY B 72 10.41 -22.52 -36.55
C GLY B 72 10.42 -22.35 -38.05
N ARG B 73 10.17 -21.15 -38.55
CA ARG B 73 10.14 -20.90 -39.98
C ARG B 73 11.12 -19.82 -40.44
N PHE B 74 11.26 -18.74 -39.68
CA PHE B 74 12.17 -17.65 -40.02
C PHE B 74 13.19 -17.47 -38.91
N THR B 75 14.27 -16.78 -39.24
CA THR B 75 15.30 -16.42 -38.26
C THR B 75 15.69 -14.97 -38.45
N ILE B 76 15.95 -14.28 -37.33
CA ILE B 76 16.29 -12.87 -37.34
C ILE B 76 17.64 -12.69 -36.67
N SER B 77 18.52 -11.92 -37.29
CA SER B 77 19.85 -11.66 -36.75
C SER B 77 20.20 -10.20 -36.95
N ARG B 78 21.12 -9.70 -36.11
CA ARG B 78 21.54 -8.32 -36.12
C ARG B 78 23.02 -8.24 -36.51
N ASP B 79 23.41 -7.09 -37.07
CA ASP B 79 24.80 -6.82 -37.43
C ASP B 79 25.13 -5.41 -36.95
N ASN B 80 25.88 -5.32 -35.84
CA ASN B 80 26.23 -4.01 -35.29
C ASN B 80 27.14 -3.24 -36.24
N ALA B 81 28.10 -3.93 -36.88
CA ALA B 81 29.04 -3.24 -37.77
C ALA B 81 28.32 -2.64 -38.97
N LYS B 82 27.39 -3.38 -39.56
CA LYS B 82 26.66 -2.91 -40.73
C LYS B 82 25.38 -2.16 -40.36
N ASN B 83 25.00 -2.15 -39.09
CA ASN B 83 23.79 -1.46 -38.63
C ASN B 83 22.56 -1.93 -39.41
N THR B 84 22.47 -3.23 -39.64
CA THR B 84 21.38 -3.81 -40.40
C THR B 84 20.87 -5.06 -39.68
N VAL B 85 19.60 -5.38 -39.90
CA VAL B 85 18.97 -6.58 -39.36
C VAL B 85 18.74 -7.56 -40.50
N TYR B 86 19.11 -8.81 -40.28
CA TYR B 86 18.97 -9.86 -41.29
C TYR B 86 17.82 -10.77 -40.89
N LEU B 87 16.82 -10.88 -41.76
CA LEU B 87 15.65 -11.73 -41.54
C LEU B 87 15.65 -12.81 -42.62
N GLN B 88 16.37 -13.90 -42.36
CA GLN B 88 16.43 -15.01 -43.28
C GLN B 88 15.13 -15.79 -43.22
N MET B 89 14.41 -15.86 -44.34
CA MET B 89 13.10 -16.50 -44.42
C MET B 89 13.18 -17.70 -45.34
N ASN B 90 12.72 -18.85 -44.86
CA ASN B 90 12.72 -20.10 -45.62
C ASN B 90 11.46 -20.88 -45.27
N SER B 91 11.31 -22.05 -45.90
CA SER B 91 10.16 -22.92 -45.71
C SER B 91 8.85 -22.16 -45.96
N LEU B 92 8.82 -21.42 -47.06
CA LEU B 92 7.71 -20.54 -47.36
C LEU B 92 6.45 -21.33 -47.69
N LYS B 93 5.32 -20.65 -47.55
CA LYS B 93 4.00 -21.20 -47.83
C LYS B 93 3.27 -20.27 -48.79
N PRO B 94 2.24 -20.76 -49.48
CA PRO B 94 1.47 -19.88 -50.37
C PRO B 94 0.82 -18.70 -49.67
N GLU B 95 0.62 -18.78 -48.35
CA GLU B 95 0.01 -17.70 -47.59
C GLU B 95 1.05 -16.73 -47.03
N ASP B 96 2.21 -16.60 -47.66
CA ASP B 96 3.28 -15.77 -47.15
C ASP B 96 3.60 -14.57 -48.02
N THR B 97 2.97 -14.44 -49.19
CA THR B 97 3.21 -13.29 -50.06
C THR B 97 2.67 -12.03 -49.39
N ALA B 98 3.58 -11.18 -48.93
CA ALA B 98 3.19 -9.97 -48.22
C ALA B 98 4.35 -8.98 -48.28
N VAL B 99 4.04 -7.73 -47.92
CA VAL B 99 5.03 -6.67 -47.84
C VAL B 99 5.44 -6.51 -46.38
N TYR B 100 6.74 -6.52 -46.13
CA TYR B 100 7.28 -6.50 -44.78
C TYR B 100 7.69 -5.08 -44.40
N TYR B 101 7.19 -4.60 -43.26
CA TYR B 101 7.46 -3.25 -42.79
C TYR B 101 8.53 -3.28 -41.70
N CYS B 102 9.60 -2.52 -41.91
CA CYS B 102 10.65 -2.36 -40.91
C CYS B 102 10.32 -1.18 -40.01
N LEU B 103 10.54 -1.36 -38.70
CA LEU B 103 10.16 -0.37 -37.71
C LEU B 103 11.38 0.10 -36.92
N VAL B 104 11.45 1.41 -36.67
CA VAL B 104 12.52 1.97 -35.87
C VAL B 104 12.44 1.49 -34.43
N ARG B 105 11.24 1.32 -33.90
CA ARG B 105 11.01 0.91 -32.52
C ARG B 105 9.56 0.46 -32.40
N VAL B 106 9.17 0.04 -31.19
CA VAL B 106 7.77 -0.28 -30.94
C VAL B 106 6.92 0.98 -31.03
N GLY B 107 7.49 2.13 -30.64
CA GLY B 107 6.82 3.40 -30.80
C GLY B 107 7.36 4.18 -31.98
N SER B 108 7.65 3.49 -33.07
CA SER B 108 8.23 4.12 -34.24
C SER B 108 7.20 4.90 -35.03
N TRP B 109 7.66 5.98 -35.65
CA TRP B 109 6.86 6.74 -36.60
C TRP B 109 7.38 6.61 -38.03
N TYR B 110 8.54 6.00 -38.22
CA TYR B 110 9.14 5.83 -39.54
C TYR B 110 8.83 4.43 -40.06
N HIS B 111 7.56 4.22 -40.40
CA HIS B 111 7.12 2.94 -40.93
C HIS B 111 7.77 2.70 -42.29
N GLY B 112 8.34 1.50 -42.46
CA GLY B 112 9.12 1.23 -43.65
C GLY B 112 8.27 1.20 -44.91
N GLN B 113 8.94 1.47 -46.03
CA GLN B 113 8.28 1.46 -47.33
C GLN B 113 7.84 0.05 -47.73
N GLY B 114 8.46 -0.98 -47.18
CA GLY B 114 8.07 -2.34 -47.47
C GLY B 114 8.78 -2.90 -48.70
N THR B 115 8.91 -4.22 -48.72
CA THR B 115 9.48 -4.94 -49.85
C THR B 115 8.50 -6.02 -50.28
N GLN B 116 8.56 -6.38 -51.57
CA GLN B 116 7.61 -7.32 -52.16
C GLN B 116 8.26 -8.70 -52.22
N VAL B 117 7.68 -9.64 -51.47
CA VAL B 117 8.09 -11.04 -51.52
C VAL B 117 6.93 -11.84 -52.09
N THR B 118 7.25 -12.81 -52.94
CA THR B 118 6.24 -13.60 -53.62
C THR B 118 6.67 -15.07 -53.64
N VAL B 119 5.71 -15.95 -53.35
CA VAL B 119 5.98 -17.38 -53.32
C VAL B 119 5.58 -18.09 -54.61
N SER B 120 4.66 -17.52 -55.38
CA SER B 120 4.17 -18.10 -56.65
C SER B 120 3.55 -19.45 -56.33
N ALA B 121 3.87 -20.51 -57.06
CA ALA B 121 3.31 -21.83 -56.79
C ALA B 121 4.21 -22.63 -55.87
C1 AKG C . -1.25 -3.62 16.75
O1 AKG C . -1.97 -3.79 17.72
O2 AKG C . -0.54 -2.54 16.54
C2 AKG C . -1.13 -4.70 15.65
O5 AKG C . -1.77 -5.74 15.76
C3 AKG C . -0.24 -4.41 14.48
C4 AKG C . -0.86 -3.50 13.44
C5 AKG C . -1.72 -4.23 12.45
O3 AKG C . -2.29 -3.45 11.58
O4 AKG C . -1.87 -5.43 12.47
CL CL D . -2.45 6.38 14.05
#